data_3NKV
#
_entry.id   3NKV
#
_cell.length_a   34.970
_cell.length_b   100.589
_cell.length_c   45.071
_cell.angle_alpha   90.00
_cell.angle_beta   102.43
_cell.angle_gamma   90.00
#
_symmetry.space_group_name_H-M   'P 1 21 1'
#
loop_
_entity.id
_entity.type
_entity.pdbx_description
1 polymer 'Ras-related protein Rab-1B'
2 non-polymer 'PHOSPHOAMINOPHOSPHONIC ACID-GUANYLATE ESTER'
3 non-polymer 'MAGNESIUM ION'
4 non-polymer 'BARIUM ION'
5 non-polymer 'ADENOSINE MONOPHOSPHATE'
6 water water
#
_entity_poly.entity_id   1
_entity_poly.type   'polypeptide(L)'
_entity_poly.pdbx_seq_one_letter_code
;GHMPEYDYLFKLLLIGDSGVGKSCLLLRFADDTYTESYISTIGVDFKIRTIELDGKTIKLQIWDTAGQERFRTITSSYYR
GAHGIIVVYDVTDQESYANVKQWLQEIDRYASENVNKLLVGNKSDLTTKKVVDNTTAKEFADSLGIPFLETSAKNATNVE
QAFMTMAAEIKKRMG
;
_entity_poly.pdbx_strand_id   A,B
#
loop_
_chem_comp.id
_chem_comp.type
_chem_comp.name
_chem_comp.formula
AMP non-polymer 'ADENOSINE MONOPHOSPHATE' 'C10 H14 N5 O7 P'
BA non-polymer 'BARIUM ION' 'Ba 2'
GNP non-polymer 'PHOSPHOAMINOPHOSPHONIC ACID-GUANYLATE ESTER' 'C10 H17 N6 O13 P3'
MG non-polymer 'MAGNESIUM ION' 'Mg 2'
#
# COMPACT_ATOMS: atom_id res chain seq x y z
N GLU A 5 15.46 21.62 19.59
CA GLU A 5 16.89 21.31 19.44
C GLU A 5 17.11 19.82 19.07
N TYR A 6 18.11 19.60 18.21
CA TYR A 6 18.31 18.32 17.52
C TYR A 6 19.04 17.31 18.34
N ASP A 7 18.50 16.13 18.39
CA ASP A 7 19.14 15.08 19.13
C ASP A 7 20.06 14.26 18.20
N TYR A 8 19.67 14.09 16.93
CA TYR A 8 20.42 13.30 15.95
C TYR A 8 20.38 14.03 14.60
N LEU A 9 21.41 13.81 13.79
CA LEU A 9 21.56 14.30 12.44
C LEU A 9 21.91 13.07 11.62
N PHE A 10 20.96 12.62 10.75
CA PHE A 10 21.21 11.40 9.92
C PHE A 10 21.26 11.83 8.44
N LYS A 11 22.15 11.19 7.70
CA LYS A 11 22.31 11.33 6.30
C LYS A 11 21.73 10.10 5.60
N LEU A 12 20.79 10.39 4.69
CA LEU A 12 20.09 9.40 3.90
C LEU A 12 20.34 9.63 2.44
N LEU A 13 20.41 8.50 1.72
CA LEU A 13 20.54 8.50 0.30
C LEU A 13 19.40 7.70 -0.33
N LEU A 14 18.84 8.21 -1.45
CA LEU A 14 17.90 7.46 -2.25
C LEU A 14 18.61 7.05 -3.55
N ILE A 15 18.64 5.77 -3.80
CA ILE A 15 19.24 5.23 -5.03
C ILE A 15 18.28 4.28 -5.71
N GLY A 16 18.56 4.05 -7.03
CA GLY A 16 17.75 3.10 -7.80
C GLY A 16 17.70 3.63 -9.22
N ASP A 17 17.07 2.83 -10.04
CA ASP A 17 17.01 3.13 -11.52
C ASP A 17 16.31 4.43 -11.87
N SER A 18 16.79 5.04 -12.91
CA SER A 18 16.16 6.22 -13.45
C SER A 18 14.66 5.95 -13.72
N GLY A 19 13.84 6.89 -13.24
CA GLY A 19 12.45 6.92 -13.48
C GLY A 19 11.58 6.14 -12.50
N VAL A 20 12.18 5.65 -11.44
CA VAL A 20 11.42 4.88 -10.42
C VAL A 20 10.65 5.78 -9.44
N GLY A 21 11.02 7.05 -9.40
CA GLY A 21 10.40 8.00 -8.49
C GLY A 21 11.09 8.48 -7.23
N LYS A 22 12.42 8.46 -7.21
CA LYS A 22 13.20 8.95 -6.10
C LYS A 22 12.95 10.38 -5.82
N SER A 23 12.97 11.15 -6.86
CA SER A 23 12.79 12.60 -6.72
C SER A 23 11.37 12.93 -6.24
N CYS A 24 10.39 12.25 -6.78
CA CYS A 24 8.99 12.41 -6.35
C CYS A 24 8.77 11.95 -4.88
N LEU A 25 9.47 10.89 -4.48
CA LEU A 25 9.43 10.49 -3.06
C LEU A 25 10.02 11.61 -2.19
N LEU A 26 11.18 12.12 -2.56
CA LEU A 26 11.70 13.29 -1.81
C LEU A 26 10.88 14.53 -1.86
N LEU A 27 10.34 14.90 -3.02
CA LEU A 27 9.42 16.03 -3.09
C LEU A 27 8.21 15.88 -2.20
N ARG A 28 7.66 14.70 -2.17
CA ARG A 28 6.51 14.43 -1.33
C ARG A 28 6.86 14.57 0.16
N PHE A 29 7.94 13.98 0.57
CA PHE A 29 8.37 13.98 1.98
C PHE A 29 8.84 15.37 2.38
N ALA A 30 9.62 16.06 1.55
CA ALA A 30 10.22 17.34 1.97
C ALA A 30 9.36 18.56 1.69
N ASP A 31 8.55 18.54 0.62
CA ASP A 31 7.75 19.70 0.18
C ASP A 31 6.27 19.47 0.12
N ASP A 32 5.82 18.25 0.39
CA ASP A 32 4.45 17.85 0.14
C ASP A 32 3.90 18.26 -1.21
N THR A 33 4.71 18.02 -2.24
CA THR A 33 4.32 18.28 -3.60
C THR A 33 4.61 17.07 -4.43
N TYR A 34 3.99 17.06 -5.59
CA TYR A 34 4.10 15.95 -6.52
C TYR A 34 3.94 16.49 -7.93
N THR A 35 4.72 15.94 -8.85
CA THR A 35 4.54 16.26 -10.27
C THR A 35 4.45 15.05 -11.14
N GLU A 36 3.63 15.07 -12.17
CA GLU A 36 3.52 13.88 -13.06
C GLU A 36 4.58 13.96 -14.17
N SER A 37 5.24 15.09 -14.27
CA SER A 37 6.27 15.27 -15.29
C SER A 37 7.54 14.47 -14.99
N TYR A 38 8.26 14.12 -16.05
CA TYR A 38 9.49 13.35 -15.93
C TYR A 38 10.63 14.25 -16.25
N ILE A 39 11.41 14.65 -15.24
CA ILE A 39 12.64 15.38 -15.44
C ILE A 39 13.71 14.72 -14.62
N SER A 40 14.59 14.04 -15.32
CA SER A 40 15.66 13.31 -14.66
C SER A 40 16.60 14.24 -13.90
N THR A 41 17.04 13.76 -12.75
CA THR A 41 17.98 14.41 -11.86
C THR A 41 19.39 14.39 -12.46
N ILE A 42 20.04 15.53 -12.41
CA ILE A 42 21.43 15.69 -12.89
C ILE A 42 22.37 15.62 -11.68
N GLY A 43 23.16 14.58 -11.57
CA GLY A 43 24.04 14.47 -10.35
C GLY A 43 23.29 14.07 -9.09
N VAL A 44 23.39 14.89 -8.04
CA VAL A 44 22.73 14.58 -6.76
C VAL A 44 22.09 15.85 -6.28
N ASP A 45 20.84 15.74 -5.86
CA ASP A 45 20.14 16.81 -5.24
C ASP A 45 20.05 16.60 -3.73
N PHE A 46 19.81 17.66 -3.00
CA PHE A 46 19.83 17.60 -1.57
C PHE A 46 18.61 18.29 -0.97
N LYS A 47 17.98 17.69 0.05
CA LYS A 47 17.04 18.45 0.89
C LYS A 47 17.18 18.04 2.33
N ILE A 48 16.69 18.89 3.21
CA ILE A 48 16.61 18.56 4.63
C ILE A 48 15.13 18.46 5.06
N ARG A 49 14.89 17.66 6.09
CA ARG A 49 13.58 17.58 6.70
C ARG A 49 13.87 17.16 8.16
N THR A 50 13.21 17.82 9.10
CA THR A 50 13.31 17.44 10.53
C THR A 50 12.06 16.68 10.92
N ILE A 51 12.23 15.56 11.62
CA ILE A 51 11.11 14.76 12.06
C ILE A 51 11.27 14.61 13.56
N GLU A 52 10.20 14.21 14.22
CA GLU A 52 10.21 13.85 15.62
C GLU A 52 9.89 12.37 15.72
N LEU A 53 10.75 11.61 16.38
CA LEU A 53 10.56 10.19 16.53
C LEU A 53 10.91 9.73 17.93
N ASP A 54 9.96 9.05 18.60
CA ASP A 54 10.16 8.57 19.94
C ASP A 54 10.62 9.74 20.87
N GLY A 55 9.99 10.89 20.69
CA GLY A 55 10.32 12.05 21.58
C GLY A 55 11.74 12.62 21.32
N LYS A 56 12.33 12.29 20.19
CA LYS A 56 13.67 12.81 19.79
C LYS A 56 13.54 13.60 18.50
N THR A 57 14.35 14.64 18.34
CA THR A 57 14.25 15.48 17.15
C THR A 57 15.42 15.05 16.23
N ILE A 58 15.13 14.64 15.01
CA ILE A 58 16.16 14.14 14.13
C ILE A 58 16.18 14.97 12.88
N LYS A 59 17.34 15.56 12.54
CA LYS A 59 17.47 16.28 11.31
C LYS A 59 17.93 15.26 10.28
N LEU A 60 17.20 15.16 9.18
CA LEU A 60 17.61 14.29 8.10
C LEU A 60 18.17 15.12 6.93
N GLN A 61 19.41 14.84 6.55
CA GLN A 61 20.04 15.43 5.35
C GLN A 61 19.87 14.35 4.28
N ILE A 62 19.14 14.58 3.20
CA ILE A 62 18.79 13.53 2.24
C ILE A 62 19.28 13.92 0.81
N TRP A 63 20.06 13.01 0.27
CA TRP A 63 20.63 13.14 -1.07
C TRP A 63 19.80 12.25 -1.99
N ASP A 64 19.32 12.86 -3.05
CA ASP A 64 18.49 12.18 -4.05
C ASP A 64 19.38 12.00 -5.30
N THR A 65 19.75 10.78 -5.65
CA THR A 65 20.81 10.57 -6.67
C THR A 65 20.13 10.39 -8.03
N ALA A 66 20.84 10.75 -9.10
CA ALA A 66 20.52 10.44 -10.48
C ALA A 66 20.62 8.94 -10.65
N GLY A 67 19.62 8.34 -11.26
CA GLY A 67 19.73 6.93 -11.58
C GLY A 67 20.46 6.64 -12.89
N GLN A 68 20.64 7.62 -13.74
CA GLN A 68 21.27 7.34 -15.04
C GLN A 68 22.74 6.98 -14.90
N GLU A 69 23.16 6.04 -15.75
CA GLU A 69 24.48 5.40 -15.66
C GLU A 69 25.61 6.41 -15.69
N ARG A 70 25.45 7.47 -16.47
CA ARG A 70 26.59 8.39 -16.65
C ARG A 70 26.89 9.23 -15.39
N PHE A 71 26.06 9.12 -14.34
CA PHE A 71 26.31 9.89 -13.12
C PHE A 71 26.77 9.03 -12.03
N ARG A 72 27.00 7.76 -12.36
CA ARG A 72 27.01 6.80 -11.30
C ARG A 72 28.28 6.85 -10.55
N THR A 73 29.39 7.16 -11.20
CA THR A 73 30.68 7.23 -10.47
C THR A 73 30.68 8.46 -9.56
N ILE A 74 30.06 9.53 -10.02
CA ILE A 74 29.85 10.68 -9.09
C ILE A 74 28.87 10.41 -7.89
N THR A 75 27.72 9.81 -8.14
CA THR A 75 26.84 9.55 -7.04
C THR A 75 27.50 8.67 -5.99
N SER A 76 28.41 7.80 -6.41
CA SER A 76 29.08 6.85 -5.50
C SER A 76 29.80 7.63 -4.36
N SER A 77 30.18 8.88 -4.65
CA SER A 77 30.91 9.66 -3.65
CA SER A 77 30.91 9.68 -3.64
C SER A 77 30.12 9.94 -2.36
N TYR A 78 28.79 9.91 -2.42
CA TYR A 78 27.96 10.21 -1.31
C TYR A 78 27.61 9.00 -0.44
N TYR A 79 27.91 7.83 -0.95
CA TYR A 79 27.46 6.62 -0.28
C TYR A 79 28.11 6.45 1.13
N ARG A 80 29.40 6.73 1.24
CA ARG A 80 30.11 6.53 2.48
CA ARG A 80 30.09 6.47 2.51
C ARG A 80 29.49 7.25 3.65
N GLY A 81 29.02 8.47 3.42
CA GLY A 81 28.47 9.26 4.50
C GLY A 81 27.11 8.86 4.98
N ALA A 82 26.40 8.09 4.20
CA ALA A 82 25.05 7.77 4.57
C ALA A 82 24.93 6.89 5.80
N HIS A 83 23.99 7.26 6.67
CA HIS A 83 23.57 6.37 7.71
C HIS A 83 22.57 5.36 7.22
N GLY A 84 21.77 5.77 6.24
CA GLY A 84 20.71 4.91 5.69
C GLY A 84 20.63 5.18 4.18
N ILE A 85 20.44 4.10 3.45
CA ILE A 85 20.25 4.12 2.02
C ILE A 85 18.96 3.42 1.68
N ILE A 86 18.09 4.12 0.94
CA ILE A 86 16.78 3.67 0.50
C ILE A 86 16.98 3.28 -0.99
N VAL A 87 16.77 2.02 -1.27
CA VAL A 87 16.86 1.49 -2.68
C VAL A 87 15.41 1.40 -3.22
N VAL A 88 15.16 2.12 -4.31
CA VAL A 88 13.82 2.25 -4.84
C VAL A 88 13.75 1.54 -6.17
N TYR A 89 12.67 0.78 -6.36
CA TYR A 89 12.30 0.25 -7.67
C TYR A 89 10.83 0.68 -7.93
N ASP A 90 10.39 0.49 -9.16
CA ASP A 90 9.06 0.83 -9.64
C ASP A 90 8.28 -0.50 -9.77
N VAL A 91 7.16 -0.63 -9.07
CA VAL A 91 6.47 -1.89 -9.00
C VAL A 91 5.83 -2.30 -10.39
N THR A 92 5.77 -1.35 -11.30
CA THR A 92 5.32 -1.51 -12.67
C THR A 92 6.46 -1.79 -13.63
N ASP A 93 7.70 -1.87 -13.14
CA ASP A 93 8.90 -2.01 -14.00
C ASP A 93 9.81 -3.15 -13.53
N GLN A 94 9.62 -4.31 -14.09
CA GLN A 94 10.40 -5.48 -13.68
C GLN A 94 11.88 -5.27 -13.70
N GLU A 95 12.41 -4.64 -14.74
CA GLU A 95 13.89 -4.50 -14.80
C GLU A 95 14.41 -3.67 -13.61
N SER A 96 13.66 -2.63 -13.16
CA SER A 96 14.06 -1.82 -12.01
C SER A 96 14.18 -2.65 -10.73
N TYR A 97 13.29 -3.64 -10.62
CA TYR A 97 13.35 -4.60 -9.51
C TYR A 97 14.52 -5.58 -9.69
N ALA A 98 14.73 -6.02 -10.89
CA ALA A 98 15.90 -6.88 -11.18
C ALA A 98 17.21 -6.13 -10.87
N ASN A 99 17.27 -4.82 -11.13
CA ASN A 99 18.48 -4.06 -10.87
C ASN A 99 18.73 -3.79 -9.40
N VAL A 100 17.79 -4.14 -8.51
CA VAL A 100 18.03 -4.01 -7.06
C VAL A 100 19.31 -4.66 -6.61
N LYS A 101 19.58 -5.85 -7.18
CA LYS A 101 20.85 -6.52 -6.88
C LYS A 101 22.09 -5.68 -7.22
N GLN A 102 22.10 -5.05 -8.39
CA GLN A 102 23.18 -4.11 -8.74
C GLN A 102 23.30 -2.99 -7.74
N TRP A 103 22.17 -2.38 -7.36
CA TRP A 103 22.19 -1.29 -6.38
C TRP A 103 22.73 -1.72 -5.01
N LEU A 104 22.33 -2.90 -4.55
CA LEU A 104 22.86 -3.47 -3.37
C LEU A 104 24.40 -3.68 -3.43
N GLN A 105 24.87 -4.10 -4.61
CA GLN A 105 26.28 -4.14 -4.91
C GLN A 105 27.01 -2.79 -4.82
N GLU A 106 26.42 -1.73 -5.36
CA GLU A 106 26.98 -0.36 -5.15
C GLU A 106 27.09 -0.05 -3.67
N ILE A 107 26.06 -0.39 -2.90
CA ILE A 107 26.10 -0.18 -1.44
C ILE A 107 27.31 -0.90 -0.79
N ASP A 108 27.46 -2.18 -1.14
CA ASP A 108 28.62 -2.93 -0.65
C ASP A 108 29.97 -2.32 -1.04
N ARG A 109 30.09 -1.84 -2.26
CA ARG A 109 31.29 -1.20 -2.74
C ARG A 109 31.64 0.09 -2.10
N TYR A 110 30.66 0.94 -1.98
CA TYR A 110 30.94 2.33 -1.58
C TYR A 110 30.45 2.73 -0.18
N ALA A 111 29.42 2.09 0.36
CA ALA A 111 28.87 2.54 1.63
C ALA A 111 29.67 2.10 2.82
N SER A 112 29.39 2.70 3.98
CA SER A 112 29.97 2.30 5.27
C SER A 112 29.46 0.91 5.56
N GLU A 113 30.27 0.12 6.30
CA GLU A 113 29.86 -1.29 6.47
C GLU A 113 28.56 -1.45 7.31
N ASN A 114 28.30 -0.49 8.20
CA ASN A 114 27.18 -0.55 9.14
C ASN A 114 25.91 0.22 8.66
N VAL A 115 25.81 0.42 7.36
CA VAL A 115 24.77 1.26 6.84
C VAL A 115 23.43 0.54 6.92
N ASN A 116 22.40 1.26 7.27
CA ASN A 116 21.06 0.69 7.30
C ASN A 116 20.47 0.77 5.90
N LYS A 117 19.62 -0.17 5.53
CA LYS A 117 19.05 -0.20 4.14
C LYS A 117 17.58 -0.35 4.27
N LEU A 118 16.87 0.06 3.25
CA LEU A 118 15.41 -0.15 3.14
C LEU A 118 15.13 -0.36 1.65
N LEU A 119 14.27 -1.30 1.33
CA LEU A 119 13.86 -1.54 -0.03
C LEU A 119 12.46 -0.95 -0.17
N VAL A 120 12.26 -0.09 -1.16
CA VAL A 120 10.97 0.53 -1.42
C VAL A 120 10.52 0.20 -2.85
N GLY A 121 9.28 -0.28 -2.96
CA GLY A 121 8.58 -0.46 -4.23
C GLY A 121 7.62 0.71 -4.43
N ASN A 122 7.97 1.63 -5.32
CA ASN A 122 7.24 2.83 -5.49
C ASN A 122 6.19 2.67 -6.62
N LYS A 123 5.30 3.64 -6.70
CA LYS A 123 4.16 3.70 -7.63
C LYS A 123 3.12 2.65 -7.32
N SER A 124 2.94 2.43 -6.02
CA SER A 124 1.96 1.39 -5.59
C SER A 124 0.55 1.70 -6.01
N ASP A 125 0.27 2.97 -6.33
CA ASP A 125 -1.04 3.35 -6.83
C ASP A 125 -1.36 2.80 -8.23
N LEU A 126 -0.35 2.32 -8.94
CA LEU A 126 -0.57 1.91 -10.31
C LEU A 126 -1.00 0.45 -10.25
N THR A 127 -2.13 0.21 -9.58
CA THR A 127 -2.47 -1.20 -9.15
C THR A 127 -2.72 -2.10 -10.38
N THR A 128 -3.22 -1.52 -11.48
CA THR A 128 -3.54 -2.31 -12.67
C THR A 128 -2.30 -2.57 -13.52
N LYS A 129 -1.18 -1.88 -13.25
CA LYS A 129 0.01 -2.08 -14.05
C LYS A 129 1.15 -2.70 -13.25
N LYS A 130 0.85 -3.12 -12.03
CA LYS A 130 1.83 -3.72 -11.14
C LYS A 130 2.30 -5.01 -11.74
N VAL A 131 3.62 -5.21 -11.85
CA VAL A 131 4.16 -6.50 -12.32
C VAL A 131 5.11 -7.14 -11.30
N VAL A 132 5.56 -6.36 -10.33
CA VAL A 132 6.42 -6.92 -9.27
C VAL A 132 5.57 -7.27 -8.07
N ASP A 133 5.32 -8.56 -7.90
CA ASP A 133 4.47 -9.02 -6.83
C ASP A 133 5.10 -8.67 -5.50
N ASN A 134 4.34 -8.13 -4.57
CA ASN A 134 4.91 -7.73 -3.31
C ASN A 134 5.30 -8.89 -2.44
N THR A 135 4.66 -10.03 -2.61
CA THR A 135 5.16 -11.20 -1.90
C THR A 135 6.55 -11.58 -2.40
N THR A 136 6.81 -11.50 -3.71
CA THR A 136 8.18 -11.75 -4.25
C THR A 136 9.20 -10.78 -3.64
N ALA A 137 8.90 -9.50 -3.68
CA ALA A 137 9.83 -8.49 -3.17
C ALA A 137 10.05 -8.58 -1.70
N LYS A 138 8.98 -8.87 -0.96
CA LYS A 138 9.10 -9.05 0.50
C LYS A 138 9.95 -10.30 0.86
N GLU A 139 9.78 -11.42 0.15
CA GLU A 139 10.59 -12.62 0.35
C GLU A 139 12.05 -12.32 0.08
N PHE A 140 12.31 -11.55 -0.98
CA PHE A 140 13.66 -11.09 -1.31
C PHE A 140 14.27 -10.28 -0.18
N ALA A 141 13.56 -9.27 0.28
CA ALA A 141 14.08 -8.38 1.27
C ALA A 141 14.31 -9.17 2.59
N ASP A 142 13.35 -10.02 2.97
CA ASP A 142 13.50 -10.96 4.13
C ASP A 142 14.73 -11.78 4.00
N SER A 143 14.97 -12.32 2.83
CA SER A 143 16.11 -13.17 2.63
C SER A 143 17.43 -12.38 2.94
N LEU A 144 17.36 -11.04 2.95
CA LEU A 144 18.57 -10.20 3.16
C LEU A 144 18.55 -9.47 4.47
N GLY A 145 17.48 -9.63 5.23
CA GLY A 145 17.29 -8.93 6.47
C GLY A 145 17.23 -7.44 6.25
N ILE A 146 16.57 -7.03 5.14
CA ILE A 146 16.32 -5.65 4.85
C ILE A 146 14.80 -5.38 4.93
N PRO A 147 14.41 -4.27 5.58
CA PRO A 147 13.01 -3.90 5.60
C PRO A 147 12.47 -3.53 4.21
N PHE A 148 11.18 -3.70 4.03
CA PHE A 148 10.52 -3.54 2.73
C PHE A 148 9.22 -2.77 2.92
N LEU A 149 9.01 -1.77 2.09
CA LEU A 149 7.71 -1.02 2.05
C LEU A 149 7.36 -0.67 0.65
N GLU A 150 6.06 -0.66 0.35
CA GLU A 150 5.59 -0.18 -0.92
C GLU A 150 5.05 1.25 -0.69
N THR A 151 5.35 2.14 -1.60
CA THR A 151 4.99 3.53 -1.45
C THR A 151 4.28 4.06 -2.69
N SER A 152 3.58 5.18 -2.50
CA SER A 152 3.11 5.96 -3.61
C SER A 152 3.43 7.43 -3.32
N ALA A 153 4.38 8.00 -4.04
CA ALA A 153 4.59 9.46 -3.98
C ALA A 153 3.38 10.19 -4.46
N LYS A 154 2.66 9.62 -5.41
CA LYS A 154 1.47 10.27 -5.96
C LYS A 154 0.35 10.47 -4.92
N ASN A 155 0.06 9.40 -4.20
CA ASN A 155 -1.05 9.42 -3.22
C ASN A 155 -0.60 9.69 -1.77
N ALA A 156 0.71 9.85 -1.60
CA ALA A 156 1.44 10.05 -0.32
C ALA A 156 1.59 8.71 0.47
N THR A 157 1.09 7.62 -0.04
CA THR A 157 1.00 6.41 0.78
C THR A 157 2.35 5.83 1.22
N ASN A 158 2.56 5.63 2.53
CA ASN A 158 3.80 5.13 3.15
C ASN A 158 5.06 5.97 2.96
N VAL A 159 4.93 7.18 2.42
CA VAL A 159 6.12 8.01 2.17
C VAL A 159 6.73 8.44 3.52
N GLU A 160 5.90 9.00 4.41
CA GLU A 160 6.40 9.39 5.76
C GLU A 160 6.97 8.15 6.46
N GLN A 161 6.23 7.04 6.43
CA GLN A 161 6.64 5.83 7.07
C GLN A 161 7.97 5.29 6.57
N ALA A 162 8.27 5.37 5.28
CA ALA A 162 9.53 4.91 4.77
C ALA A 162 10.71 5.65 5.44
N PHE A 163 10.62 6.98 5.46
CA PHE A 163 11.65 7.78 6.09
C PHE A 163 11.72 7.61 7.61
N MET A 164 10.54 7.55 8.23
CA MET A 164 10.44 7.31 9.68
C MET A 164 10.99 5.95 10.08
N THR A 165 10.71 4.87 9.32
CA THR A 165 11.21 3.60 9.78
C THR A 165 12.75 3.53 9.60
N MET A 166 13.24 4.12 8.54
CA MET A 166 14.69 4.20 8.32
C MET A 166 15.34 4.94 9.48
N ALA A 167 14.82 6.09 9.83
CA ALA A 167 15.40 6.73 11.00
C ALA A 167 15.34 5.92 12.27
N ALA A 168 14.27 5.20 12.49
CA ALA A 168 14.12 4.42 13.68
C ALA A 168 15.22 3.39 13.74
N GLU A 169 15.47 2.74 12.61
CA GLU A 169 16.44 1.66 12.60
C GLU A 169 17.84 2.22 12.81
N ILE A 170 18.13 3.37 12.23
CA ILE A 170 19.43 4.00 12.51
C ILE A 170 19.60 4.31 13.96
N LYS A 171 18.58 4.90 14.57
CA LYS A 171 18.66 5.33 15.94
C LYS A 171 18.85 4.15 16.89
N LYS A 172 18.25 2.99 16.59
CA LYS A 172 18.47 1.81 17.40
C LYS A 172 19.91 1.31 17.51
N ARG A 173 20.68 1.47 16.45
CA ARG A 173 22.06 1.00 16.46
C ARG A 173 23.04 2.15 16.79
N MET A 174 22.55 3.11 17.57
CA MET A 174 23.42 4.10 18.21
C MET A 174 22.73 4.77 19.39
N GLU B 5 -3.96 -4.31 25.29
CA GLU B 5 -4.37 -5.50 24.45
C GLU B 5 -4.62 -5.16 22.97
N TYR B 6 -5.52 -4.24 22.71
CA TYR B 6 -5.44 -3.52 21.45
C TYR B 6 -5.59 -2.06 21.74
N ASP B 7 -5.11 -1.29 20.81
CA ASP B 7 -5.12 0.17 20.92
C ASP B 7 -6.37 0.73 20.28
N TYR B 8 -6.73 0.15 19.12
CA TYR B 8 -7.86 0.63 18.33
C TYR B 8 -8.70 -0.52 17.83
N LEU B 9 -10.00 -0.25 17.70
CA LEU B 9 -10.97 -1.15 17.17
C LEU B 9 -11.60 -0.53 15.94
N PHE B 10 -11.38 -1.10 14.76
CA PHE B 10 -12.01 -0.59 13.52
C PHE B 10 -13.12 -1.56 13.07
N LYS B 11 -14.28 -1.01 12.74
CA LYS B 11 -15.47 -1.74 12.29
C LYS B 11 -15.57 -1.59 10.82
N LEU B 12 -15.48 -2.71 10.13
CA LEU B 12 -15.48 -2.66 8.64
C LEU B 12 -16.73 -3.41 8.15
N LEU B 13 -17.23 -3.05 6.97
CA LEU B 13 -18.42 -3.68 6.43
C LEU B 13 -18.07 -4.03 4.97
N LEU B 14 -18.40 -5.24 4.53
CA LEU B 14 -18.36 -5.66 3.10
C LEU B 14 -19.77 -5.65 2.53
N ILE B 15 -19.95 -4.95 1.40
CA ILE B 15 -21.24 -4.87 0.71
C ILE B 15 -21.02 -5.09 -0.80
N GLY B 16 -22.06 -5.49 -1.50
CA GLY B 16 -21.89 -5.87 -2.91
C GLY B 16 -22.95 -6.88 -3.25
N ASP B 17 -23.12 -7.07 -4.55
CA ASP B 17 -24.09 -8.03 -5.02
C ASP B 17 -23.92 -9.42 -4.47
N SER B 18 -25.05 -10.14 -4.32
CA SER B 18 -24.96 -11.56 -3.98
C SER B 18 -24.14 -12.28 -5.03
N GLY B 19 -23.23 -13.10 -4.55
CA GLY B 19 -22.42 -13.95 -5.41
C GLY B 19 -21.04 -13.47 -5.77
N VAL B 20 -20.71 -12.24 -5.38
CA VAL B 20 -19.45 -11.62 -5.82
C VAL B 20 -18.23 -12.19 -5.09
N GLY B 21 -18.45 -12.77 -3.92
CA GLY B 21 -17.39 -13.32 -3.12
C GLY B 21 -17.07 -12.66 -1.82
N LYS B 22 -18.01 -11.91 -1.23
CA LYS B 22 -17.79 -11.18 0.02
C LYS B 22 -17.42 -12.15 1.18
N SER B 23 -18.18 -13.20 1.35
CA SER B 23 -17.96 -14.15 2.42
C SER B 23 -16.66 -14.92 2.19
N CYS B 24 -16.34 -15.25 0.92
CA CYS B 24 -15.02 -15.88 0.66
C CYS B 24 -13.82 -14.96 0.93
N LEU B 25 -13.96 -13.69 0.66
CA LEU B 25 -12.88 -12.73 0.92
C LEU B 25 -12.64 -12.62 2.44
N LEU B 26 -13.73 -12.58 3.21
CA LEU B 26 -13.65 -12.53 4.66
C LEU B 26 -13.04 -13.80 5.18
N LEU B 27 -13.44 -14.97 4.66
CA LEU B 27 -12.89 -16.21 5.13
C LEU B 27 -11.42 -16.33 4.83
N ARG B 28 -11.06 -15.91 3.62
CA ARG B 28 -9.65 -15.85 3.24
C ARG B 28 -8.84 -14.93 4.10
N PHE B 29 -9.31 -13.74 4.39
CA PHE B 29 -8.53 -12.80 5.23
C PHE B 29 -8.48 -13.23 6.67
N ALA B 30 -9.65 -13.51 7.24
CA ALA B 30 -9.71 -13.91 8.66
C ALA B 30 -9.05 -15.25 8.97
N ASP B 31 -9.32 -16.29 8.17
CA ASP B 31 -8.89 -17.67 8.41
C ASP B 31 -7.78 -18.21 7.46
N ASP B 32 -7.42 -17.48 6.42
CA ASP B 32 -6.55 -17.98 5.33
C ASP B 32 -7.02 -19.34 4.76
N THR B 33 -8.32 -19.43 4.53
CA THR B 33 -8.87 -20.61 3.84
C THR B 33 -9.93 -20.22 2.79
N TYR B 34 -10.16 -21.16 1.90
CA TYR B 34 -11.14 -21.02 0.81
C TYR B 34 -11.80 -22.34 0.51
N THR B 35 -13.10 -22.27 0.35
CA THR B 35 -13.86 -23.39 -0.06
C THR B 35 -14.85 -22.99 -1.18
N GLU B 36 -15.17 -23.94 -2.04
CA GLU B 36 -16.19 -23.77 -3.06
C GLU B 36 -17.60 -24.15 -2.50
N SER B 37 -17.65 -24.69 -1.26
CA SER B 37 -18.93 -25.01 -0.60
C SER B 37 -19.71 -23.72 -0.34
N TYR B 38 -21.03 -23.76 -0.53
CA TYR B 38 -21.84 -22.56 -0.35
C TYR B 38 -21.75 -22.02 1.10
N ILE B 39 -21.62 -20.71 1.22
CA ILE B 39 -21.56 -20.00 2.51
C ILE B 39 -22.85 -19.19 2.63
N SER B 40 -23.68 -19.54 3.63
CA SER B 40 -24.98 -18.92 3.86
C SER B 40 -24.77 -17.73 4.76
N THR B 41 -24.86 -16.57 4.16
CA THR B 41 -24.88 -15.37 4.88
C THR B 41 -26.32 -15.01 5.13
N ILE B 42 -26.70 -15.23 6.37
CA ILE B 42 -28.07 -15.09 6.79
C ILE B 42 -28.12 -13.76 7.49
N GLY B 43 -28.42 -12.72 6.73
CA GLY B 43 -28.35 -11.34 7.16
C GLY B 43 -26.90 -10.77 7.15
N VAL B 44 -26.24 -10.93 8.28
CA VAL B 44 -24.91 -10.44 8.50
C VAL B 44 -24.15 -11.46 9.33
N ASP B 45 -22.84 -11.56 9.08
CA ASP B 45 -21.93 -12.45 9.86
C ASP B 45 -20.74 -11.52 10.20
N PHE B 46 -19.93 -11.82 11.21
CA PHE B 46 -18.66 -11.04 11.33
C PHE B 46 -17.55 -11.96 11.72
N LYS B 47 -16.36 -11.49 11.48
CA LYS B 47 -15.19 -12.11 11.93
C LYS B 47 -14.23 -11.03 12.40
N ILE B 48 -13.28 -11.44 13.23
CA ILE B 48 -12.28 -10.50 13.72
C ILE B 48 -10.88 -10.94 13.30
N ARG B 49 -10.00 -9.97 13.18
CA ARG B 49 -8.58 -10.21 12.98
C ARG B 49 -7.86 -9.01 13.50
N THR B 50 -6.77 -9.28 14.22
CA THR B 50 -5.92 -8.29 14.73
C THR B 50 -4.72 -8.12 13.85
N ILE B 51 -4.38 -6.85 13.64
CA ILE B 51 -3.17 -6.47 12.88
C ILE B 51 -2.32 -5.42 13.55
N GLU B 52 -1.08 -5.27 13.06
CA GLU B 52 -0.15 -4.25 13.52
C GLU B 52 0.02 -3.28 12.36
N LEU B 53 -0.14 -2.01 12.65
CA LEU B 53 0.04 -1.03 11.64
C LEU B 53 0.88 0.10 12.22
N ASP B 54 2.04 0.33 11.63
CA ASP B 54 2.93 1.42 12.08
C ASP B 54 3.03 1.40 13.60
N GLY B 55 3.34 0.24 14.17
CA GLY B 55 3.47 0.10 15.63
C GLY B 55 2.25 0.13 16.56
N LYS B 56 1.04 0.17 16.01
CA LYS B 56 -0.20 0.12 16.78
C LYS B 56 -0.87 -1.26 16.50
N THR B 57 -1.52 -1.79 17.53
CA THR B 57 -2.26 -3.04 17.42
C THR B 57 -3.72 -2.61 17.15
N ILE B 58 -4.25 -3.13 16.05
CA ILE B 58 -5.58 -2.76 15.63
C ILE B 58 -6.45 -4.02 15.48
N LYS B 59 -7.56 -4.04 16.19
CA LYS B 59 -8.52 -5.17 16.05
C LYS B 59 -9.52 -4.76 14.99
N LEU B 60 -9.61 -5.57 13.95
CA LEU B 60 -10.54 -5.36 12.87
C LEU B 60 -11.75 -6.21 13.11
N GLN B 61 -12.93 -5.58 13.17
CA GLN B 61 -14.13 -6.32 13.34
C GLN B 61 -14.87 -6.14 12.05
N ILE B 62 -15.01 -7.22 11.31
CA ILE B 62 -15.40 -7.13 9.87
C ILE B 62 -16.72 -7.80 9.66
N TRP B 63 -17.71 -7.03 9.21
CA TRP B 63 -19.10 -7.47 9.11
C TRP B 63 -19.36 -7.74 7.64
N ASP B 64 -19.90 -8.92 7.38
CA ASP B 64 -20.16 -9.36 6.04
C ASP B 64 -21.66 -9.34 5.83
N THR B 65 -22.13 -8.65 4.79
CA THR B 65 -23.57 -8.55 4.58
C THR B 65 -24.02 -9.49 3.48
N ALA B 66 -25.24 -9.95 3.61
CA ALA B 66 -25.93 -10.61 2.48
C ALA B 66 -26.30 -9.61 1.41
N GLY B 67 -26.00 -9.95 0.17
CA GLY B 67 -26.27 -9.07 -0.98
C GLY B 67 -27.70 -9.03 -1.44
N GLN B 68 -28.49 -10.05 -1.11
CA GLN B 68 -29.94 -10.01 -1.43
C GLN B 68 -30.82 -8.99 -0.74
N GLU B 69 -31.75 -8.38 -1.52
CA GLU B 69 -32.65 -7.35 -1.01
C GLU B 69 -33.53 -7.82 0.14
N ARG B 70 -33.84 -9.11 0.23
CA ARG B 70 -34.64 -9.54 1.34
C ARG B 70 -34.04 -9.28 2.74
N PHE B 71 -32.74 -8.97 2.79
CA PHE B 71 -32.02 -8.73 4.03
C PHE B 71 -31.71 -7.22 4.30
N ARG B 72 -32.23 -6.31 3.47
CA ARG B 72 -32.01 -4.85 3.64
CA ARG B 72 -31.97 -4.86 3.63
C ARG B 72 -32.21 -4.35 5.05
N THR B 73 -33.29 -4.78 5.67
CA THR B 73 -33.60 -4.31 6.99
C THR B 73 -32.39 -4.53 7.85
N ILE B 74 -31.98 -5.81 7.92
CA ILE B 74 -30.87 -6.21 8.77
C ILE B 74 -29.58 -5.52 8.33
N THR B 75 -29.25 -5.56 7.03
CA THR B 75 -27.92 -5.19 6.62
C THR B 75 -27.80 -3.64 6.73
N SER B 76 -28.90 -2.95 6.49
CA SER B 76 -28.89 -1.47 6.44
C SER B 76 -28.49 -0.84 7.78
N SER B 77 -28.78 -1.55 8.87
CA SER B 77 -28.57 -1.01 10.18
C SER B 77 -27.08 -0.99 10.52
N TYR B 78 -26.25 -1.68 9.75
CA TYR B 78 -24.82 -1.82 10.04
C TYR B 78 -23.97 -0.75 9.34
N TYR B 79 -24.58 0.02 8.45
CA TYR B 79 -23.81 0.97 7.67
C TYR B 79 -23.33 2.17 8.50
N ARG B 80 -24.23 2.65 9.37
CA ARG B 80 -23.95 3.89 10.08
C ARG B 80 -22.67 3.77 10.91
N GLY B 81 -22.46 2.62 11.55
CA GLY B 81 -21.35 2.49 12.55
C GLY B 81 -20.01 2.07 11.95
N ALA B 82 -19.97 1.79 10.65
CA ALA B 82 -18.78 1.35 10.00
C ALA B 82 -17.77 2.45 9.85
N HIS B 83 -16.55 2.15 10.15
CA HIS B 83 -15.43 3.08 9.92
C HIS B 83 -14.89 2.95 8.50
N GLY B 84 -15.08 1.80 7.92
CA GLY B 84 -14.71 1.57 6.47
C GLY B 84 -15.71 0.62 5.83
N ILE B 85 -16.00 0.88 4.56
CA ILE B 85 -16.90 0.09 3.74
C ILE B 85 -16.22 -0.35 2.45
N ILE B 86 -16.13 -1.65 2.28
CA ILE B 86 -15.51 -2.31 1.12
C ILE B 86 -16.65 -2.72 0.22
N VAL B 87 -16.66 -2.17 -1.00
CA VAL B 87 -17.66 -2.48 -2.02
C VAL B 87 -17.05 -3.48 -3.03
N VAL B 88 -17.67 -4.63 -3.14
CA VAL B 88 -17.10 -5.69 -3.93
C VAL B 88 -17.95 -5.96 -5.14
N TYR B 89 -17.28 -6.16 -6.30
CA TYR B 89 -17.95 -6.66 -7.53
C TYR B 89 -17.18 -7.87 -8.00
N ASP B 90 -17.75 -8.55 -8.99
CA ASP B 90 -17.19 -9.77 -9.52
C ASP B 90 -16.72 -9.35 -10.91
N VAL B 91 -15.43 -9.51 -11.16
CA VAL B 91 -14.83 -9.12 -12.47
C VAL B 91 -15.37 -9.90 -13.67
N THR B 92 -16.07 -11.00 -13.41
CA THR B 92 -16.71 -11.83 -14.44
C THR B 92 -18.17 -11.45 -14.69
N ASP B 93 -18.69 -10.49 -13.94
CA ASP B 93 -20.11 -10.16 -13.98
C ASP B 93 -20.35 -8.68 -14.08
N GLN B 94 -20.69 -8.23 -15.28
CA GLN B 94 -20.74 -6.78 -15.60
C GLN B 94 -21.88 -6.13 -14.78
N GLU B 95 -22.99 -6.86 -14.56
CA GLU B 95 -24.10 -6.33 -13.73
C GLU B 95 -23.64 -6.02 -12.29
N SER B 96 -22.77 -6.85 -11.75
CA SER B 96 -22.28 -6.55 -10.38
C SER B 96 -21.47 -5.25 -10.31
N TYR B 97 -20.76 -4.94 -11.42
CA TYR B 97 -19.95 -3.74 -11.51
C TYR B 97 -20.85 -2.58 -11.74
N ALA B 98 -21.88 -2.73 -12.58
CA ALA B 98 -22.83 -1.66 -12.82
C ALA B 98 -23.52 -1.29 -11.52
N ASN B 99 -23.77 -2.28 -10.66
CA ASN B 99 -24.45 -2.02 -9.40
C ASN B 99 -23.59 -1.35 -8.32
N VAL B 100 -22.25 -1.23 -8.54
CA VAL B 100 -21.40 -0.52 -7.61
C VAL B 100 -21.96 0.89 -7.36
N LYS B 101 -22.40 1.55 -8.41
CA LYS B 101 -23.00 2.87 -8.26
C LYS B 101 -24.22 2.81 -7.33
N GLN B 102 -24.98 1.72 -7.36
CA GLN B 102 -26.13 1.60 -6.47
C GLN B 102 -25.71 1.37 -5.02
N TRP B 103 -24.69 0.52 -4.80
CA TRP B 103 -24.09 0.35 -3.45
C TRP B 103 -23.54 1.65 -2.86
N LEU B 104 -22.93 2.46 -3.70
CA LEU B 104 -22.46 3.76 -3.25
C LEU B 104 -23.58 4.71 -2.86
N GLN B 105 -24.73 4.61 -3.51
CA GLN B 105 -25.92 5.33 -3.03
C GLN B 105 -26.42 4.85 -1.73
N GLU B 106 -26.35 3.54 -1.50
CA GLU B 106 -26.77 3.03 -0.20
C GLU B 106 -25.87 3.53 0.92
N ILE B 107 -24.57 3.65 0.65
CA ILE B 107 -23.61 4.21 1.63
C ILE B 107 -23.98 5.65 1.91
N ASP B 108 -24.26 6.40 0.86
CA ASP B 108 -24.77 7.77 1.02
C ASP B 108 -25.99 7.87 1.92
N ARG B 109 -26.90 6.93 1.80
CA ARG B 109 -28.14 6.96 2.50
C ARG B 109 -28.00 6.59 3.99
N TYR B 110 -27.21 5.57 4.30
CA TYR B 110 -27.26 4.93 5.62
C TYR B 110 -26.01 5.31 6.41
N ALA B 111 -24.95 5.75 5.72
CA ALA B 111 -23.70 6.05 6.43
C ALA B 111 -23.55 7.55 6.33
N SER B 112 -22.44 8.02 5.80
CA SER B 112 -22.23 9.41 5.51
C SER B 112 -21.88 9.51 4.00
N ASN B 114 -16.91 11.85 6.02
CA ASN B 114 -17.40 10.83 5.15
C ASN B 114 -16.63 9.52 5.41
N VAL B 115 -17.25 8.43 5.04
CA VAL B 115 -16.69 7.15 5.47
C VAL B 115 -15.61 6.71 4.48
N ASN B 116 -14.58 6.03 5.02
CA ASN B 116 -13.57 5.38 4.15
C ASN B 116 -14.15 4.24 3.37
N LYS B 117 -13.88 4.25 2.06
CA LYS B 117 -14.29 3.22 1.13
C LYS B 117 -13.14 2.60 0.33
N LEU B 118 -13.37 1.38 -0.14
CA LEU B 118 -12.39 0.67 -0.98
C LEU B 118 -13.26 -0.08 -1.97
N LEU B 119 -12.83 -0.11 -3.24
CA LEU B 119 -13.48 -0.89 -4.28
C LEU B 119 -12.64 -2.14 -4.60
N VAL B 120 -13.27 -3.31 -4.55
CA VAL B 120 -12.59 -4.58 -4.81
C VAL B 120 -13.31 -5.26 -5.99
N GLY B 121 -12.54 -5.59 -7.01
CA GLY B 121 -12.99 -6.53 -8.04
C GLY B 121 -12.46 -7.92 -7.79
N ASN B 122 -13.36 -8.81 -7.37
CA ASN B 122 -12.98 -10.14 -6.97
C ASN B 122 -13.12 -11.17 -8.13
N LYS B 123 -12.52 -12.33 -7.93
CA LYS B 123 -12.49 -13.45 -8.88
C LYS B 123 -11.48 -13.22 -10.02
N SER B 124 -10.36 -12.55 -9.70
CA SER B 124 -9.41 -12.17 -10.72
C SER B 124 -8.72 -13.34 -11.40
N ASP B 125 -8.85 -14.50 -10.78
CA ASP B 125 -8.32 -15.77 -11.29
C ASP B 125 -9.06 -16.30 -12.48
N LEU B 126 -10.28 -15.84 -12.66
CA LEU B 126 -11.16 -16.30 -13.77
C LEU B 126 -10.79 -15.57 -15.08
N THR B 127 -9.57 -15.82 -15.56
CA THR B 127 -8.98 -14.94 -16.58
CA THR B 127 -8.97 -14.95 -16.60
C THR B 127 -9.79 -15.00 -17.88
N THR B 128 -10.29 -16.18 -18.22
CA THR B 128 -11.07 -16.31 -19.45
C THR B 128 -12.54 -15.87 -19.33
N LYS B 129 -13.01 -15.59 -18.11
CA LYS B 129 -14.39 -15.23 -17.93
C LYS B 129 -14.51 -13.76 -17.50
N LYS B 130 -13.38 -13.10 -17.35
CA LYS B 130 -13.37 -11.67 -16.98
C LYS B 130 -14.03 -10.84 -18.03
N VAL B 131 -14.85 -9.90 -17.61
CA VAL B 131 -15.53 -8.97 -18.50
C VAL B 131 -15.35 -7.52 -18.11
N VAL B 132 -15.06 -7.24 -16.85
CA VAL B 132 -14.89 -5.86 -16.44
C VAL B 132 -13.44 -5.42 -16.56
N ASP B 133 -13.14 -4.43 -17.39
CA ASP B 133 -11.77 -3.97 -17.58
C ASP B 133 -11.31 -3.27 -16.32
N ASN B 134 -10.17 -3.66 -15.80
CA ASN B 134 -9.70 -3.00 -14.57
C ASN B 134 -9.31 -1.57 -14.71
N THR B 135 -9.00 -1.13 -15.95
CA THR B 135 -8.69 0.26 -16.21
C THR B 135 -9.96 1.13 -15.93
N THR B 136 -11.11 0.66 -16.41
CA THR B 136 -12.40 1.28 -16.09
C THR B 136 -12.70 1.42 -14.60
N ALA B 137 -12.51 0.33 -13.86
CA ALA B 137 -12.78 0.25 -12.45
C ALA B 137 -11.84 1.18 -11.70
N LYS B 138 -10.56 1.10 -12.08
CA LYS B 138 -9.53 2.01 -11.47
C LYS B 138 -9.78 3.51 -11.68
N GLU B 139 -10.12 3.89 -12.89
CA GLU B 139 -10.43 5.28 -13.19
C GLU B 139 -11.68 5.75 -12.43
N PHE B 140 -12.66 4.86 -12.29
CA PHE B 140 -13.86 5.17 -11.50
C PHE B 140 -13.51 5.35 -10.05
N ALA B 141 -12.78 4.39 -9.48
CA ALA B 141 -12.35 4.57 -8.06
C ALA B 141 -11.54 5.84 -7.87
N ASP B 142 -10.57 6.05 -8.72
CA ASP B 142 -9.68 7.21 -8.65
C ASP B 142 -10.55 8.52 -8.66
N SER B 143 -11.63 8.51 -9.44
CA SER B 143 -12.42 9.77 -9.64
C SER B 143 -13.03 10.19 -8.30
N LEU B 144 -13.22 9.19 -7.43
CA LEU B 144 -13.84 9.36 -6.10
C LEU B 144 -12.86 9.32 -4.96
N GLY B 145 -11.59 9.25 -5.27
CA GLY B 145 -10.54 9.15 -4.28
C GLY B 145 -10.58 7.89 -3.47
N ILE B 146 -11.11 6.82 -4.07
CA ILE B 146 -11.31 5.47 -3.37
C ILE B 146 -10.15 4.57 -3.92
N PRO B 147 -9.42 3.84 -3.06
CA PRO B 147 -8.48 2.87 -3.57
C PRO B 147 -9.22 1.71 -4.22
N PHE B 148 -8.52 1.04 -5.16
CA PHE B 148 -9.07 -0.09 -5.85
C PHE B 148 -8.06 -1.17 -5.92
N LEU B 149 -8.54 -2.42 -5.76
CA LEU B 149 -7.73 -3.60 -6.02
C LEU B 149 -8.55 -4.74 -6.59
N GLU B 150 -7.87 -5.55 -7.42
CA GLU B 150 -8.47 -6.79 -7.86
C GLU B 150 -7.95 -7.89 -7.02
N THR B 151 -8.86 -8.77 -6.63
CA THR B 151 -8.55 -9.80 -5.68
C THR B 151 -8.96 -11.17 -6.19
N SER B 152 -8.38 -12.21 -5.59
CA SER B 152 -8.90 -13.52 -5.70
C SER B 152 -8.92 -14.16 -4.35
N ALA B 153 -10.10 -14.37 -3.79
CA ALA B 153 -10.23 -15.18 -2.57
C ALA B 153 -9.73 -16.54 -2.83
N LYS B 154 -9.98 -17.07 -4.04
CA LYS B 154 -9.58 -18.43 -4.32
C LYS B 154 -8.05 -18.66 -4.18
N ASN B 155 -7.27 -17.82 -4.87
CA ASN B 155 -5.83 -17.97 -4.92
C ASN B 155 -5.11 -17.08 -3.89
N ALA B 156 -5.84 -16.28 -3.12
CA ALA B 156 -5.39 -15.30 -2.11
C ALA B 156 -4.87 -13.97 -2.62
N THR B 157 -4.81 -13.83 -3.91
CA THR B 157 -4.16 -12.66 -4.49
C THR B 157 -4.81 -11.33 -4.04
N ASN B 158 -4.00 -10.46 -3.42
CA ASN B 158 -4.43 -9.16 -2.93
C ASN B 158 -5.40 -9.13 -1.80
N VAL B 159 -5.76 -10.26 -1.23
CA VAL B 159 -6.78 -10.24 -0.17
C VAL B 159 -6.24 -9.53 1.07
N GLU B 160 -5.09 -9.97 1.58
CA GLU B 160 -4.42 -9.24 2.65
C GLU B 160 -4.28 -7.74 2.37
N GLN B 161 -3.82 -7.45 1.18
CA GLN B 161 -3.55 -6.11 0.84
C GLN B 161 -4.82 -5.21 0.88
N ALA B 162 -5.92 -5.74 0.37
CA ALA B 162 -7.20 -5.05 0.41
C ALA B 162 -7.58 -4.60 1.80
N PHE B 163 -7.64 -5.54 2.70
CA PHE B 163 -8.00 -5.24 4.09
C PHE B 163 -6.97 -4.34 4.76
N MET B 164 -5.68 -4.55 4.48
CA MET B 164 -4.64 -3.76 5.10
C MET B 164 -4.69 -2.33 4.56
N THR B 165 -5.03 -2.18 3.28
CA THR B 165 -5.23 -0.88 2.64
C THR B 165 -6.35 -0.10 3.32
N MET B 166 -7.46 -0.75 3.57
CA MET B 166 -8.58 -0.11 4.25
CA MET B 166 -8.60 -0.15 4.26
C MET B 166 -8.16 0.32 5.68
N ALA B 167 -7.51 -0.58 6.40
CA ALA B 167 -7.12 -0.27 7.76
C ALA B 167 -6.18 0.96 7.79
N ALA B 168 -5.23 1.00 6.85
CA ALA B 168 -4.34 2.12 6.72
C ALA B 168 -5.10 3.42 6.40
N GLU B 169 -6.13 3.35 5.56
CA GLU B 169 -6.92 4.55 5.23
C GLU B 169 -7.68 5.05 6.45
N ILE B 170 -8.22 4.12 7.22
CA ILE B 170 -8.96 4.51 8.43
C ILE B 170 -8.02 5.19 9.44
N LYS B 171 -6.87 4.62 9.69
CA LYS B 171 -5.92 5.08 10.68
C LYS B 171 -5.44 6.48 10.29
N LYS B 172 -5.29 6.73 9.01
CA LYS B 172 -4.91 8.04 8.51
C LYS B 172 -5.98 9.09 8.75
N ARG B 173 -7.25 8.74 8.54
CA ARG B 173 -8.38 9.70 8.62
C ARG B 173 -8.80 9.92 10.06
N MET B 174 -8.43 9.01 10.96
CA MET B 174 -8.76 9.10 12.39
C MET B 174 -7.65 9.82 13.20
PG GNP C . 16.12 9.98 -12.05
O1G GNP C . 16.87 8.93 -11.28
O2G GNP C . 16.22 11.37 -11.49
O3G GNP C . 16.46 9.92 -13.55
N3B GNP C . 14.49 9.55 -12.01
PB GNP C . 13.63 9.46 -10.55
O1B GNP C . 13.73 8.08 -9.88
O2B GNP C . 13.95 10.64 -9.67
O3A GNP C . 12.09 9.57 -11.03
PA GNP C . 11.06 10.78 -10.78
O1A GNP C . 10.82 11.01 -9.33
O2A GNP C . 11.51 11.91 -11.68
O5' GNP C . 9.71 10.15 -11.37
C5' GNP C . 9.67 9.58 -12.63
C4' GNP C . 8.26 9.52 -13.17
O4' GNP C . 7.47 8.64 -12.34
C3' GNP C . 7.53 10.86 -13.25
O3' GNP C . 6.75 10.94 -14.46
C2' GNP C . 6.65 10.77 -12.02
O2' GNP C . 5.47 11.58 -12.08
C1' GNP C . 6.30 9.30 -11.87
N9 GNP C . 6.05 8.89 -10.49
C8 GNP C . 6.93 9.01 -9.48
N7 GNP C . 6.39 8.51 -8.35
C5 GNP C . 5.16 8.03 -8.65
C6 GNP C . 4.13 7.32 -7.92
O6 GNP C . 4.23 7.08 -6.71
N1 GNP C . 3.02 7.05 -8.63
C2 GNP C . 2.87 7.33 -9.98
N2 GNP C . 1.76 7.00 -10.63
N3 GNP C . 3.82 7.92 -10.73
C4 GNP C . 4.94 8.25 -10.06
MG MG D . 15.29 12.17 -9.93
BA BA E . 22.75 18.56 -8.79
P AMP F . 28.16 17.22 -3.70
O1P AMP F . 29.08 17.08 -2.52
O2P AMP F . 28.46 18.04 -4.87
O5' AMP F . 26.73 17.55 -3.09
C5' AMP F . 25.61 17.57 -3.96
C4' AMP F . 24.71 18.76 -3.70
O4' AMP F . 24.26 18.66 -2.35
C3' AMP F . 25.50 20.03 -3.89
O3' AMP F . 24.67 20.94 -4.64
C2' AMP F . 25.78 20.35 -2.42
O2' AMP F . 26.02 21.68 -2.08
C1' AMP F . 24.53 19.89 -1.71
N9 AMP F . 24.86 19.51 -0.35
C8 AMP F . 25.60 18.43 -0.12
N7 AMP F . 25.81 18.28 1.20
C5 AMP F . 25.15 19.26 1.81
C6 AMP F . 25.00 19.62 3.23
N6 AMP F . 25.59 18.82 4.17
N1 AMP F . 24.27 20.74 3.49
C2 AMP F . 23.72 21.50 2.51
N3 AMP F . 23.82 21.20 1.19
C4 AMP F . 24.53 20.11 0.79
PG GNP G . -24.06 -13.32 -0.61
O1G GNP G . -23.98 -11.80 -0.59
O2G GNP G . -23.81 -13.84 0.80
O3G GNP G . -25.29 -13.90 -1.23
N3B GNP G . -22.85 -13.87 -1.67
PB GNP G . -21.22 -13.51 -1.36
O1B GNP G . -20.78 -12.15 -1.98
O2B GNP G . -20.86 -13.68 0.06
O3A GNP G . -20.53 -14.63 -2.23
PA GNP G . -19.63 -15.86 -1.72
O1A GNP G . -18.44 -15.38 -1.01
O2A GNP G . -20.60 -16.91 -1.14
O5' GNP G . -19.10 -16.52 -3.09
C5' GNP G . -19.93 -16.97 -4.09
C4' GNP G . -19.18 -18.05 -4.86
O4' GNP G . -18.30 -17.38 -5.78
C3' GNP G . -18.22 -18.97 -4.08
O3' GNP G . -18.93 -20.14 -3.64
C2' GNP G . -17.24 -19.42 -5.08
O2' GNP G . -17.90 -20.33 -6.01
C1' GNP G . -17.08 -18.19 -5.89
N9 GNP G . -15.92 -17.35 -5.53
C8 GNP G . -15.76 -16.49 -4.50
N7 GNP G . -14.56 -15.88 -4.58
C5 GNP G . -13.96 -16.39 -5.66
C6 GNP G . -12.64 -16.18 -6.31
O6 GNP G . -11.79 -15.35 -5.87
N1 GNP G . -12.42 -16.89 -7.40
C2 GNP G . -13.29 -17.77 -7.96
N2 GNP G . -13.01 -18.47 -9.08
N3 GNP G . -14.53 -18.05 -7.41
C4 GNP G . -14.86 -17.33 -6.30
MG MG H . -22.02 -14.13 1.73
BA BA I . -7.25 -1.94 -20.12
P AMP J . -27.07 -6.65 14.52
O1P AMP J . -27.05 -5.34 15.30
O2P AMP J . -28.33 -6.97 13.73
O5' AMP J . -26.57 -8.01 15.27
C5' AMP J . -26.62 -9.30 14.64
C4' AMP J . -26.00 -10.32 15.60
O4' AMP J . -24.58 -10.09 15.79
C3' AMP J . -26.66 -10.24 16.98
O3' AMP J . -27.36 -11.45 17.29
C2' AMP J . -25.54 -9.90 17.97
O2' AMP J . -25.45 -10.86 19.03
C1' AMP J . -24.23 -9.90 17.17
N9 AMP J . -23.48 -8.64 17.30
C8 AMP J . -23.88 -7.42 16.83
N7 AMP J . -22.98 -6.44 17.08
C5 AMP J . -21.94 -7.04 17.72
C6 AMP J . -20.64 -6.59 18.27
N6 AMP J . -20.29 -5.27 18.17
N1 AMP J . -19.82 -7.55 18.87
C2 AMP J . -20.20 -8.85 18.96
N3 AMP J . -21.38 -9.30 18.48
C4 AMP J . -22.27 -8.49 17.87
#